data_4EBK
#
_entry.id   4EBK
#
_cell.length_a   81.906
_cell.length_b   84.451
_cell.length_c   98.762
_cell.angle_alpha   90.00
_cell.angle_beta   90.00
_cell.angle_gamma   90.00
#
_symmetry.space_group_name_H-M   'P 21 21 21'
#
loop_
_entity.id
_entity.type
_entity.pdbx_description
1 polymer 'Aminoglycoside nucleotidyltransferase'
2 non-polymer TOBRAMYCIN
3 non-polymer 1,2-ETHANEDIOL
4 non-polymer 'IODIDE ION'
5 non-polymer 'CHLORIDE ION'
6 water water
#
_entity_poly.entity_id   1
_entity_poly.type   'polypeptide(L)'
_entity_poly.pdbx_seq_one_letter_code
;(MSE)GSSHHHHHHSSGRENLYFQGVQHTIARWVDRLREE(IYR)ADAVAILLKGSYARGDAATWSDIDFDVLVSTQDVE
DYRTWIEPVGDRLVHISAAVEWVTGWERDTVDPSSWSYGLPTQETTRL(MSE)WAINDETRRRLDRPYKTHPAAEPEVED
TVEALGKIRNAIARGDDLGVYQSAQTVAKLVPTLLIPINPPVTVSHARQAIEAILAFPRVPVGFAADWLTCLGLVEERSA
RSTAAAAER(MSE)VRGVLE(MSE)LPTDPDLLGEDIARL(MSE)NAGLLEKYVQQ
;
_entity_poly.pdbx_strand_id   A,B
#
loop_
_chem_comp.id
_chem_comp.type
_chem_comp.name
_chem_comp.formula
CL non-polymer 'CHLORIDE ION' 'Cl -1'
EDO non-polymer 1,2-ETHANEDIOL 'C2 H6 O2'
IOD non-polymer 'IODIDE ION' 'I -1'
TOY non-polymer TOBRAMYCIN 'C18 H37 N5 O9'
#
# COMPACT_ATOMS: atom_id res chain seq x y z
N ASN A 16 2.41 30.53 -18.69
CA ASN A 16 1.70 29.56 -19.54
C ASN A 16 2.42 29.35 -20.87
N LEU A 17 3.56 30.02 -21.03
CA LEU A 17 4.45 29.71 -22.13
C LEU A 17 5.39 28.59 -21.67
N TYR A 18 5.37 28.35 -20.36
CA TYR A 18 6.06 27.21 -19.79
C TYR A 18 5.46 25.96 -20.40
N PHE A 19 4.14 25.95 -20.53
CA PHE A 19 3.46 24.75 -20.97
C PHE A 19 3.74 24.39 -22.44
N GLN A 20 3.90 25.39 -23.31
CA GLN A 20 4.27 25.10 -24.69
C GLN A 20 5.69 24.51 -24.79
N GLY A 21 6.60 25.02 -23.97
CA GLY A 21 7.95 24.48 -23.91
C GLY A 21 7.97 23.05 -23.41
N VAL A 22 7.01 22.71 -22.55
CA VAL A 22 6.90 21.35 -22.06
C VAL A 22 6.36 20.44 -23.16
N GLN A 23 5.36 20.92 -23.89
CA GLN A 23 4.79 20.13 -24.99
C GLN A 23 5.88 19.85 -26.03
N HIS A 24 6.73 20.84 -26.30
CA HIS A 24 7.84 20.62 -27.21
C HIS A 24 8.84 19.64 -26.60
N THR A 25 9.01 19.70 -25.28
CA THR A 25 9.95 18.79 -24.64
C THR A 25 9.44 17.36 -24.77
N ILE A 26 8.15 17.19 -24.56
CA ILE A 26 7.53 15.87 -24.72
C ILE A 26 7.73 15.33 -26.14
N ALA A 27 7.43 16.14 -27.15
CA ALA A 27 7.56 15.69 -28.54
C ALA A 27 9.01 15.32 -28.85
N ARG A 28 9.91 16.15 -28.37
CA ARG A 28 11.35 15.95 -28.55
CA ARG A 28 11.34 15.95 -28.56
C ARG A 28 11.83 14.67 -27.87
N TRP A 29 11.33 14.41 -26.67
CA TRP A 29 11.73 13.22 -25.91
C TRP A 29 11.32 11.91 -26.58
N VAL A 30 10.17 11.90 -27.25
CA VAL A 30 9.67 10.69 -27.90
C VAL A 30 10.70 10.16 -28.88
N ASP A 31 11.21 11.05 -29.73
CA ASP A 31 12.23 10.67 -30.70
C ASP A 31 13.52 10.26 -30.00
N ARG A 32 13.86 10.97 -28.94
CA ARG A 32 15.07 10.64 -28.19
C ARG A 32 14.99 9.25 -27.58
N LEU A 33 13.84 8.91 -27.01
CA LEU A 33 13.65 7.61 -26.43
C LEU A 33 13.80 6.51 -27.49
N ARG A 34 13.28 6.75 -28.69
CA ARG A 34 13.41 5.78 -29.79
C ARG A 34 14.88 5.49 -30.06
N GLU A 35 15.64 6.57 -30.29
CA GLU A 35 17.07 6.49 -30.57
C GLU A 35 17.78 5.69 -29.49
N GLU A 36 17.33 5.85 -28.25
CA GLU A 36 18.00 5.24 -27.12
C GLU A 36 17.70 3.75 -26.93
N IYR A 37 16.48 3.35 -27.23
CA IYR A 37 16.05 1.97 -27.04
CB IYR A 37 14.82 2.00 -26.16
CC IYR A 37 15.23 2.37 -24.73
CD IYR A 37 15.12 3.70 -24.27
CE IYR A 37 15.50 3.98 -22.93
IE IYR A 37 15.38 5.92 -22.11
CF IYR A 37 15.99 2.99 -22.10
OF IYR A 37 16.36 3.33 -20.80
CG IYR A 37 16.11 1.67 -22.55
CH IYR A 37 15.72 1.37 -23.87
C IYR A 37 15.75 1.26 -28.33
O IYR A 37 14.59 1.33 -28.81
N ALA A 38 16.73 0.57 -28.90
CA ALA A 38 16.51 -0.15 -30.16
C ALA A 38 15.43 -1.23 -30.07
N ASP A 39 15.23 -1.77 -28.87
CA ASP A 39 14.23 -2.82 -28.66
C ASP A 39 12.81 -2.28 -28.42
N ALA A 40 12.66 -0.96 -28.52
CA ALA A 40 11.35 -0.32 -28.29
C ALA A 40 10.32 -0.64 -29.37
N VAL A 41 9.10 -0.96 -28.95
CA VAL A 41 7.99 -1.19 -29.89
C VAL A 41 6.89 -0.14 -29.78
N ALA A 42 6.85 0.56 -28.64
CA ALA A 42 5.85 1.61 -28.43
C ALA A 42 6.29 2.60 -27.36
N ILE A 43 5.88 3.86 -27.52
CA ILE A 43 6.14 4.88 -26.51
C ILE A 43 4.83 5.61 -26.20
N LEU A 44 4.46 5.61 -24.92
CA LEU A 44 3.20 6.23 -24.47
C LEU A 44 3.43 7.30 -23.41
N LEU A 45 2.69 8.40 -23.54
CA LEU A 45 2.63 9.45 -22.53
C LEU A 45 1.62 9.03 -21.46
N LYS A 46 1.96 9.32 -20.20
CA LYS A 46 1.19 8.91 -19.03
C LYS A 46 0.96 10.11 -18.12
N GLY A 47 0.18 9.92 -17.06
CA GLY A 47 0.07 10.92 -16.00
C GLY A 47 -0.62 12.21 -16.37
N SER A 48 -0.22 13.29 -15.70
CA SER A 48 -0.83 14.61 -15.83
C SER A 48 -0.88 15.14 -17.26
N TYR A 49 0.23 14.99 -18.00
CA TYR A 49 0.27 15.55 -19.34
C TYR A 49 -0.53 14.71 -20.31
N ALA A 50 -0.67 13.41 -20.04
CA ALA A 50 -1.58 12.60 -20.87
C ALA A 50 -3.02 13.02 -20.60
N ARG A 51 -3.35 13.34 -19.34
CA ARG A 51 -4.71 13.78 -19.02
C ARG A 51 -5.03 15.21 -19.42
N GLY A 52 -4.00 16.07 -19.52
CA GLY A 52 -4.22 17.47 -19.84
C GLY A 52 -4.51 18.34 -18.62
N ASP A 53 -4.19 17.85 -17.42
CA ASP A 53 -4.49 18.58 -16.20
C ASP A 53 -3.23 18.91 -15.41
N ALA A 54 -2.12 19.07 -16.11
CA ALA A 54 -0.83 19.25 -15.45
C ALA A 54 -0.74 20.63 -14.82
N ALA A 55 0.14 20.77 -13.83
CA ALA A 55 0.39 22.06 -13.22
C ALA A 55 1.90 22.24 -13.06
N THR A 56 2.31 23.30 -12.37
CA THR A 56 3.72 23.70 -12.33
C THR A 56 4.69 22.55 -12.02
N TRP A 57 4.42 21.82 -10.95
CA TRP A 57 5.34 20.78 -10.49
C TRP A 57 5.07 19.39 -11.07
N SER A 58 4.19 19.30 -12.08
CA SER A 58 3.87 18.00 -12.67
C SER A 58 5.09 17.45 -13.40
N ASP A 59 5.20 16.14 -13.43
CA ASP A 59 6.31 15.47 -14.12
C ASP A 59 5.86 15.04 -15.49
N ILE A 60 6.81 14.97 -16.42
CA ILE A 60 6.53 14.33 -17.68
C ILE A 60 6.75 12.83 -17.50
N ASP A 61 5.71 12.05 -17.79
CA ASP A 61 5.71 10.61 -17.51
CA ASP A 61 5.70 10.61 -17.51
C ASP A 61 5.59 9.79 -18.80
N PHE A 62 6.59 8.96 -19.09
CA PHE A 62 6.56 8.06 -20.25
C PHE A 62 6.59 6.56 -19.89
N ASP A 63 5.86 5.73 -20.66
CA ASP A 63 6.14 4.30 -20.72
C ASP A 63 6.85 4.01 -22.02
N VAL A 64 7.99 3.32 -21.94
CA VAL A 64 8.70 2.82 -23.11
C VAL A 64 8.60 1.30 -23.11
N LEU A 65 7.76 0.76 -24.00
CA LEU A 65 7.54 -0.68 -24.06
C LEU A 65 8.54 -1.34 -25.00
N VAL A 66 9.26 -2.36 -24.50
CA VAL A 66 10.31 -3.02 -25.30
C VAL A 66 10.00 -4.50 -25.61
N SER A 67 10.72 -5.08 -26.56
CA SER A 67 10.51 -6.47 -26.97
C SER A 67 11.30 -7.43 -26.11
N THR A 68 12.31 -6.90 -25.42
CA THR A 68 13.16 -7.71 -24.56
C THR A 68 12.37 -8.13 -23.32
N GLN A 69 12.45 -9.41 -22.99
CA GLN A 69 11.65 -9.95 -21.91
C GLN A 69 12.24 -9.60 -20.55
N ASP A 70 11.34 -9.44 -19.58
CA ASP A 70 11.69 -9.27 -18.17
C ASP A 70 12.34 -7.94 -17.83
N VAL A 71 12.43 -7.06 -18.82
CA VAL A 71 13.02 -5.75 -18.62
C VAL A 71 12.13 -4.90 -17.73
N GLU A 72 12.71 -4.34 -16.68
CA GLU A 72 12.02 -3.33 -15.89
C GLU A 72 13.04 -2.34 -15.37
N ASP A 73 13.03 -1.13 -15.94
CA ASP A 73 13.98 -0.12 -15.49
C ASP A 73 13.30 1.23 -15.46
N TYR A 74 13.88 2.14 -14.70
CA TYR A 74 13.25 3.43 -14.46
C TYR A 74 14.24 4.55 -14.66
N ARG A 75 13.92 5.39 -15.64
CA ARG A 75 14.83 6.47 -16.01
C ARG A 75 14.30 7.79 -15.48
N THR A 76 15.22 8.73 -15.25
CA THR A 76 14.88 10.05 -14.76
C THR A 76 15.75 11.09 -15.44
N TRP A 77 15.16 12.20 -15.85
CA TRP A 77 15.95 13.33 -16.31
C TRP A 77 15.45 14.62 -15.65
N ILE A 78 16.32 15.60 -15.56
CA ILE A 78 15.94 16.97 -15.19
C ILE A 78 16.42 17.85 -16.33
N GLU A 79 15.48 18.47 -17.04
CA GLU A 79 15.80 19.24 -18.24
CA GLU A 79 15.83 19.24 -18.24
C GLU A 79 15.30 20.67 -18.22
N PRO A 80 16.09 21.60 -18.74
CA PRO A 80 15.66 23.01 -18.75
C PRO A 80 14.53 23.25 -19.76
N VAL A 81 13.52 24.00 -19.32
CA VAL A 81 12.48 24.50 -20.21
C VAL A 81 12.38 25.98 -19.91
N GLY A 82 12.93 26.80 -20.80
CA GLY A 82 13.04 28.23 -20.55
C GLY A 82 13.88 28.46 -19.30
N ASP A 83 13.35 29.23 -18.36
CA ASP A 83 14.06 29.52 -17.13
C ASP A 83 13.73 28.55 -16.00
N ARG A 84 13.06 27.44 -16.33
CA ARG A 84 12.74 26.43 -15.33
C ARG A 84 13.36 25.08 -15.66
N LEU A 85 13.33 24.15 -14.69
CA LEU A 85 13.69 22.77 -14.96
C LEU A 85 12.43 21.94 -14.83
N VAL A 86 12.28 20.96 -15.74
CA VAL A 86 11.19 19.99 -15.64
C VAL A 86 11.72 18.57 -15.36
N HIS A 87 10.98 17.82 -14.55
CA HIS A 87 11.32 16.44 -14.23
C HIS A 87 10.68 15.50 -15.23
N ILE A 88 11.51 14.68 -15.89
CA ILE A 88 11.03 13.70 -16.84
C ILE A 88 11.35 12.30 -16.34
N SER A 89 10.41 11.38 -16.50
CA SER A 89 10.65 10.00 -16.12
C SER A 89 10.17 9.05 -17.20
N ALA A 90 10.82 7.89 -17.27
CA ALA A 90 10.37 6.81 -18.15
C ALA A 90 10.47 5.46 -17.48
N ALA A 91 9.36 4.73 -17.49
CA ALA A 91 9.36 3.33 -17.09
C ALA A 91 9.61 2.50 -18.35
N VAL A 92 10.74 1.78 -18.38
CA VAL A 92 11.04 0.90 -19.49
C VAL A 92 10.63 -0.51 -19.09
N GLU A 93 9.75 -1.11 -19.89
CA GLU A 93 9.16 -2.40 -19.53
C GLU A 93 8.91 -3.29 -20.72
N TRP A 94 9.05 -4.60 -20.51
CA TRP A 94 8.67 -5.61 -21.50
C TRP A 94 7.21 -5.44 -21.90
N VAL A 95 6.99 -5.33 -23.20
CA VAL A 95 5.65 -4.99 -23.71
C VAL A 95 4.57 -5.95 -23.23
N THR A 96 4.84 -7.24 -23.30
CA THR A 96 3.87 -8.25 -22.91
C THR A 96 3.57 -8.19 -21.41
N GLY A 97 4.60 -7.98 -20.60
CA GLY A 97 4.38 -7.78 -19.17
C GLY A 97 3.49 -6.57 -18.87
N TRP A 98 3.65 -5.52 -19.67
CA TRP A 98 2.90 -4.29 -19.46
C TRP A 98 1.43 -4.46 -19.85
N GLU A 99 1.19 -5.15 -20.95
CA GLU A 99 -0.18 -5.43 -21.36
C GLU A 99 -0.86 -6.33 -20.36
N ARG A 100 -0.10 -7.28 -19.82
CA ARG A 100 -0.66 -8.28 -18.93
C ARG A 100 -1.17 -7.72 -17.61
N ASP A 101 -0.55 -6.65 -17.12
CA ASP A 101 -0.87 -6.17 -15.77
C ASP A 101 -2.24 -5.49 -15.68
N THR A 102 -2.94 -5.44 -16.81
CA THR A 102 -4.31 -4.97 -16.87
C THR A 102 -5.25 -5.84 -16.02
N VAL A 103 -4.81 -7.04 -15.64
CA VAL A 103 -5.68 -7.90 -14.85
C VAL A 103 -5.43 -7.75 -13.35
N ASP A 104 -4.41 -6.98 -13.00
CA ASP A 104 -4.08 -6.70 -11.61
C ASP A 104 -4.65 -5.34 -11.16
N PRO A 105 -5.24 -5.30 -9.96
CA PRO A 105 -5.77 -4.02 -9.47
C PRO A 105 -4.64 -3.04 -9.21
N SER A 106 -4.93 -1.74 -9.33
CA SER A 106 -3.96 -0.70 -8.99
C SER A 106 -3.78 -0.67 -7.47
N SER A 107 -2.63 -0.19 -7.03
CA SER A 107 -2.32 -0.14 -5.60
C SER A 107 -2.60 1.25 -5.05
N TRP A 108 -2.95 2.17 -5.93
CA TRP A 108 -3.04 3.58 -5.53
C TRP A 108 -4.47 4.13 -5.52
N SER A 109 -5.47 3.25 -5.62
CA SER A 109 -6.85 3.68 -5.83
C SER A 109 -7.82 3.30 -4.72
N TYR A 110 -7.28 2.89 -3.56
CA TYR A 110 -8.08 2.34 -2.48
C TYR A 110 -8.98 1.21 -2.96
N GLY A 111 -8.51 0.43 -3.93
CA GLY A 111 -9.25 -0.73 -4.41
C GLY A 111 -10.16 -0.45 -5.59
N LEU A 112 -10.37 0.81 -5.91
CA LEU A 112 -11.23 1.20 -7.03
C LEU A 112 -10.67 0.66 -8.34
N PRO A 113 -11.56 0.28 -9.28
CA PRO A 113 -11.04 -0.03 -10.61
C PRO A 113 -10.53 1.26 -11.24
N THR A 114 -9.58 1.14 -12.16
CA THR A 114 -8.89 2.31 -12.66
C THR A 114 -8.81 2.36 -14.18
N GLN A 115 -8.71 3.57 -14.70
CA GLN A 115 -8.36 3.79 -16.10
C GLN A 115 -7.03 4.54 -16.12
N GLU A 116 -5.97 3.77 -16.33
CA GLU A 116 -4.62 4.29 -16.31
C GLU A 116 -4.37 4.96 -17.65
N THR A 117 -4.48 6.28 -17.68
CA THR A 117 -4.46 7.07 -18.92
C THR A 117 -3.22 6.84 -19.76
N THR A 118 -3.44 6.56 -21.05
CA THR A 118 -2.33 6.39 -21.98
C THR A 118 -2.58 7.21 -23.23
N ARG A 119 -1.52 7.84 -23.74
CA ARG A 119 -1.57 8.47 -25.07
C ARG A 119 -0.40 7.93 -25.84
N LEU A 120 -0.69 7.10 -26.84
CA LEU A 120 0.32 6.52 -27.68
C LEU A 120 1.01 7.61 -28.52
N MSE A 121 2.35 7.70 -28.39
CA MSE A 121 3.16 8.69 -29.12
C MSE A 121 3.80 8.08 -30.36
O MSE A 121 3.99 8.75 -31.38
CB MSE A 121 4.27 9.20 -28.20
CG MSE A 121 3.76 9.84 -26.93
SE MSE A 121 3.10 11.65 -27.19
CE MSE A 121 1.17 11.41 -26.97
N TRP A 122 4.16 6.81 -30.24
CA TRP A 122 4.89 6.11 -31.29
C TRP A 122 4.77 4.60 -31.12
N ALA A 123 4.65 3.90 -32.24
CA ALA A 123 4.66 2.43 -32.22
C ALA A 123 5.37 1.93 -33.47
N ILE A 124 6.05 0.80 -33.33
CA ILE A 124 6.98 0.35 -34.35
C ILE A 124 6.28 -0.10 -35.65
N ASN A 125 5.06 -0.60 -35.56
CA ASN A 125 4.32 -0.99 -36.76
C ASN A 125 2.81 -0.81 -36.60
N ASP A 126 2.08 -1.12 -37.67
CA ASP A 126 0.63 -0.90 -37.72
C ASP A 126 -0.11 -1.70 -36.65
N GLU A 127 0.31 -2.96 -36.48
CA GLU A 127 -0.43 -3.87 -35.60
C GLU A 127 -0.22 -3.49 -34.14
N THR A 128 1.01 -3.11 -33.81
CA THR A 128 1.29 -2.61 -32.47
C THR A 128 0.53 -1.31 -32.25
N ARG A 129 0.46 -0.49 -33.30
CA ARG A 129 -0.27 0.76 -33.20
C ARG A 129 -1.74 0.49 -32.88
N ARG A 130 -2.37 -0.39 -33.67
CA ARG A 130 -3.79 -0.68 -33.49
CA ARG A 130 -3.79 -0.65 -33.48
C ARG A 130 -4.09 -1.26 -32.11
N ARG A 131 -3.18 -2.09 -31.63
CA ARG A 131 -3.36 -2.76 -30.34
C ARG A 131 -3.15 -1.80 -29.15
N LEU A 132 -2.18 -0.90 -29.26
CA LEU A 132 -1.83 -0.05 -28.12
C LEU A 132 -2.46 1.34 -28.17
N ASP A 133 -3.09 1.66 -29.28
CA ASP A 133 -3.78 2.95 -29.38
C ASP A 133 -5.11 2.89 -28.64
N ARG A 134 -5.07 3.11 -27.32
CA ARG A 134 -6.25 3.16 -26.47
C ARG A 134 -6.11 4.37 -25.56
N PRO A 135 -7.23 4.88 -25.04
CA PRO A 135 -7.17 6.05 -24.14
C PRO A 135 -6.65 5.69 -22.74
N TYR A 136 -6.68 4.39 -22.39
CA TYR A 136 -6.21 3.96 -21.08
C TYR A 136 -5.97 2.47 -21.02
N LYS A 137 -5.23 2.05 -20.00
CA LYS A 137 -5.13 0.65 -19.61
C LYS A 137 -6.04 0.47 -18.39
N THR A 138 -6.92 -0.52 -18.43
CA THR A 138 -7.85 -0.75 -17.32
C THR A 138 -7.23 -1.62 -16.22
N HIS A 139 -7.79 -1.52 -15.01
CA HIS A 139 -7.51 -2.46 -13.94
C HIS A 139 -8.79 -2.71 -13.14
N PRO A 140 -9.00 -3.96 -12.72
CA PRO A 140 -10.22 -4.31 -11.99
C PRO A 140 -10.19 -3.84 -10.54
N ALA A 141 -11.35 -3.80 -9.90
CA ALA A 141 -11.44 -3.52 -8.47
C ALA A 141 -10.70 -4.58 -7.67
N ALA A 142 -10.12 -4.16 -6.54
CA ALA A 142 -9.62 -5.12 -5.56
C ALA A 142 -10.82 -5.83 -4.91
N GLU A 143 -10.60 -7.06 -4.46
CA GLU A 143 -11.68 -7.89 -3.94
C GLU A 143 -12.06 -7.38 -2.54
N PRO A 144 -13.31 -7.61 -2.12
CA PRO A 144 -13.75 -7.23 -0.77
C PRO A 144 -12.91 -7.89 0.31
N GLU A 145 -12.58 -7.14 1.36
CA GLU A 145 -11.81 -7.69 2.46
C GLU A 145 -12.58 -7.54 3.78
N VAL A 146 -13.65 -8.30 3.93
CA VAL A 146 -14.45 -8.22 5.15
C VAL A 146 -13.65 -8.57 6.41
N GLU A 147 -12.97 -9.70 6.35
CA GLU A 147 -12.20 -10.22 7.48
C GLU A 147 -11.13 -9.27 8.02
N ASP A 148 -10.31 -8.71 7.13
CA ASP A 148 -9.24 -7.82 7.54
C ASP A 148 -9.78 -6.49 8.03
N THR A 149 -10.94 -6.07 7.52
CA THR A 149 -11.60 -4.88 8.04
C THR A 149 -11.98 -5.11 9.50
N VAL A 150 -12.51 -6.29 9.77
CA VAL A 150 -12.95 -6.62 11.11
C VAL A 150 -11.76 -6.77 12.07
N GLU A 151 -10.66 -7.37 11.58
CA GLU A 151 -9.43 -7.45 12.34
C GLU A 151 -8.88 -6.09 12.68
N ALA A 152 -8.86 -5.17 11.71
CA ALA A 152 -8.33 -3.83 11.99
C ALA A 152 -9.19 -3.12 13.05
N LEU A 153 -10.49 -3.36 13.06
CA LEU A 153 -11.35 -2.82 14.08
C LEU A 153 -10.95 -3.42 15.44
N GLY A 154 -10.66 -4.71 15.45
CA GLY A 154 -10.15 -5.38 16.63
C GLY A 154 -8.86 -4.76 17.13
N LYS A 155 -7.96 -4.41 16.22
CA LYS A 155 -6.71 -3.76 16.60
C LYS A 155 -6.98 -2.39 17.23
N ILE A 156 -7.99 -1.70 16.72
CA ILE A 156 -8.36 -0.39 17.24
C ILE A 156 -8.83 -0.57 18.68
N ARG A 157 -9.68 -1.57 18.90
CA ARG A 157 -10.22 -1.80 20.23
C ARG A 157 -9.12 -2.17 21.23
N ASN A 158 -8.15 -2.96 20.79
CA ASN A 158 -7.02 -3.32 21.63
C ASN A 158 -6.18 -2.07 22.00
N ALA A 159 -5.96 -1.21 21.02
CA ALA A 159 -5.15 0.00 21.22
C ALA A 159 -5.87 1.01 22.12
N ILE A 160 -7.19 1.13 21.97
CA ILE A 160 -8.00 1.88 22.93
C ILE A 160 -7.83 1.34 24.34
N ALA A 161 -7.96 0.02 24.49
CA ALA A 161 -7.90 -0.58 25.82
C ALA A 161 -6.55 -0.34 26.51
N ARG A 162 -5.48 -0.26 25.73
CA ARG A 162 -4.17 -0.04 26.33
C ARG A 162 -3.71 1.43 26.28
N GLY A 163 -4.56 2.31 25.75
CA GLY A 163 -4.28 3.73 25.76
C GLY A 163 -3.25 4.18 24.72
N ASP A 164 -3.17 3.42 23.63
CA ASP A 164 -2.20 3.68 22.57
C ASP A 164 -2.85 4.43 21.40
N ASP A 165 -2.89 5.76 21.50
CA ASP A 165 -3.57 6.59 20.51
C ASP A 165 -3.00 6.39 19.10
N LEU A 166 -1.68 6.31 19.02
CA LEU A 166 -0.98 6.13 17.76
C LEU A 166 -1.40 4.81 17.09
N GLY A 167 -1.44 3.75 17.89
CA GLY A 167 -2.01 2.48 17.45
C GLY A 167 -3.46 2.60 16.99
N VAL A 168 -4.26 3.41 17.67
CA VAL A 168 -5.63 3.66 17.22
C VAL A 168 -5.61 4.30 15.84
N TYR A 169 -4.77 5.32 15.66
CA TYR A 169 -4.74 6.07 14.40
C TYR A 169 -4.27 5.17 13.26
N GLN A 170 -3.29 4.33 13.57
CA GLN A 170 -2.72 3.44 12.58
C GLN A 170 -3.75 2.46 12.07
N SER A 171 -4.40 1.78 13.01
CA SER A 171 -5.35 0.74 12.66
C SER A 171 -6.61 1.30 12.00
N ALA A 172 -6.98 2.52 12.37
CA ALA A 172 -8.10 3.17 11.72
C ALA A 172 -7.76 3.43 10.25
N GLN A 173 -6.50 3.74 9.93
CA GLN A 173 -6.13 3.92 8.53
C GLN A 173 -6.36 2.64 7.74
N THR A 174 -6.04 1.50 8.38
CA THR A 174 -6.24 0.19 7.76
C THR A 174 -7.72 -0.04 7.47
N VAL A 175 -8.57 0.25 8.45
CA VAL A 175 -10.03 0.15 8.25
C VAL A 175 -10.48 1.03 7.08
N ALA A 176 -10.01 2.27 7.06
CA ALA A 176 -10.43 3.17 5.98
C ALA A 176 -9.90 2.75 4.61
N LYS A 177 -8.75 2.10 4.57
CA LYS A 177 -8.19 1.67 3.28
C LYS A 177 -8.94 0.47 2.73
N LEU A 178 -9.60 -0.27 3.61
CA LEU A 178 -10.25 -1.51 3.24
C LEU A 178 -11.75 -1.36 2.98
N VAL A 179 -12.39 -0.46 3.70
CA VAL A 179 -13.83 -0.19 3.54
C VAL A 179 -14.29 0.02 2.07
N PRO A 180 -13.52 0.76 1.28
CA PRO A 180 -13.95 0.92 -0.13
C PRO A 180 -14.12 -0.40 -0.87
N THR A 181 -13.30 -1.40 -0.56
CA THR A 181 -13.41 -2.70 -1.21
C THR A 181 -14.79 -3.31 -0.92
N LEU A 182 -15.41 -2.91 0.18
CA LEU A 182 -16.74 -3.38 0.58
C LEU A 182 -17.84 -2.57 -0.12
N LEU A 183 -17.58 -1.27 -0.29
CA LEU A 183 -18.58 -0.34 -0.82
C LEU A 183 -18.68 -0.38 -2.36
N ILE A 184 -17.57 -0.70 -3.03
CA ILE A 184 -17.55 -0.74 -4.48
C ILE A 184 -18.68 -1.60 -5.09
N PRO A 185 -18.85 -2.85 -4.62
CA PRO A 185 -19.86 -3.69 -5.26
C PRO A 185 -21.29 -3.20 -5.11
N ILE A 186 -21.61 -2.47 -4.03
CA ILE A 186 -22.99 -2.01 -3.84
C ILE A 186 -23.20 -0.60 -4.34
N ASN A 187 -22.18 -0.03 -4.97
CA ASN A 187 -22.31 1.29 -5.59
C ASN A 187 -22.28 1.21 -7.13
N PRO A 188 -22.83 2.22 -7.82
CA PRO A 188 -22.74 2.28 -9.28
C PRO A 188 -21.27 2.21 -9.70
N PRO A 189 -20.99 1.52 -10.82
CA PRO A 189 -19.62 1.35 -11.30
C PRO A 189 -18.98 2.71 -11.50
N VAL A 190 -17.78 2.89 -10.98
CA VAL A 190 -17.03 4.13 -11.21
C VAL A 190 -15.56 3.77 -11.34
N THR A 191 -14.86 4.37 -12.31
CA THR A 191 -13.41 4.18 -12.39
C THR A 191 -12.72 5.51 -12.15
N VAL A 192 -11.45 5.45 -11.79
CA VAL A 192 -10.65 6.66 -11.61
C VAL A 192 -9.32 6.55 -12.34
N SER A 193 -8.71 7.69 -12.66
CA SER A 193 -7.45 7.69 -13.42
C SER A 193 -6.21 8.06 -12.62
N HIS A 194 -6.40 8.54 -11.39
CA HIS A 194 -5.27 8.95 -10.56
C HIS A 194 -5.67 9.00 -9.09
N ALA A 195 -4.66 8.99 -8.22
CA ALA A 195 -4.88 8.90 -6.76
C ALA A 195 -5.82 9.94 -6.15
N ARG A 196 -5.68 11.20 -6.54
CA ARG A 196 -6.53 12.25 -5.96
C ARG A 196 -8.00 12.01 -6.29
N GLN A 197 -8.24 11.50 -7.49
CA GLN A 197 -9.60 11.27 -7.97
C GLN A 197 -10.26 10.07 -7.24
N ALA A 198 -9.46 9.13 -6.77
CA ALA A 198 -9.96 8.03 -5.95
C ALA A 198 -10.69 8.54 -4.71
N ILE A 199 -10.08 9.50 -4.02
CA ILE A 199 -10.73 10.12 -2.87
C ILE A 199 -12.06 10.78 -3.28
N GLU A 200 -12.05 11.48 -4.41
CA GLU A 200 -13.27 12.10 -4.93
C GLU A 200 -14.39 11.09 -5.21
N ALA A 201 -14.08 9.99 -5.88
CA ALA A 201 -15.10 8.99 -6.24
C ALA A 201 -15.70 8.34 -4.99
N ILE A 202 -14.84 7.99 -4.05
CA ILE A 202 -15.27 7.36 -2.81
C ILE A 202 -16.15 8.32 -2.00
N LEU A 203 -15.72 9.56 -1.85
CA LEU A 203 -16.52 10.53 -1.11
C LEU A 203 -17.89 10.78 -1.77
N ALA A 204 -17.98 10.49 -3.06
CA ALA A 204 -19.21 10.65 -3.82
C ALA A 204 -20.11 9.39 -3.94
N PHE A 205 -19.66 8.26 -3.39
CA PHE A 205 -20.47 7.03 -3.35
C PHE A 205 -21.90 7.33 -2.89
N PRO A 206 -22.90 7.04 -3.72
CA PRO A 206 -24.28 7.29 -3.27
C PRO A 206 -24.73 6.37 -2.14
N ARG A 207 -24.22 5.14 -2.08
CA ARG A 207 -24.63 4.19 -1.06
C ARG A 207 -23.56 3.97 0.00
N VAL A 208 -23.73 4.64 1.14
CA VAL A 208 -22.75 4.60 2.23
C VAL A 208 -23.50 4.68 3.55
N PRO A 209 -22.87 4.23 4.64
CA PRO A 209 -23.65 4.40 5.87
C PRO A 209 -23.61 5.86 6.33
N VAL A 210 -24.51 6.15 7.26
CA VAL A 210 -24.66 7.49 7.83
C VAL A 210 -23.34 7.95 8.47
N GLY A 211 -22.89 9.14 8.10
CA GLY A 211 -21.67 9.70 8.67
C GLY A 211 -20.42 9.49 7.82
N PHE A 212 -20.59 8.80 6.69
CA PHE A 212 -19.46 8.33 5.89
C PHE A 212 -18.35 9.36 5.58
N ALA A 213 -18.72 10.49 4.98
CA ALA A 213 -17.71 11.43 4.50
C ALA A 213 -16.70 11.81 5.59
N ALA A 214 -17.21 12.33 6.71
CA ALA A 214 -16.33 12.74 7.82
C ALA A 214 -15.63 11.54 8.50
N ASP A 215 -16.35 10.44 8.66
CA ASP A 215 -15.76 9.28 9.31
C ASP A 215 -14.58 8.72 8.50
N TRP A 216 -14.76 8.59 7.19
CA TRP A 216 -13.74 7.98 6.34
C TRP A 216 -12.46 8.82 6.33
N LEU A 217 -12.62 10.14 6.22
CA LEU A 217 -11.47 11.05 6.24
C LEU A 217 -10.78 11.08 7.61
N THR A 218 -11.57 11.03 8.68
CA THR A 218 -11.01 10.93 10.02
C THR A 218 -10.13 9.68 10.12
N CYS A 219 -10.67 8.54 9.73
CA CYS A 219 -9.94 7.29 9.86
C CYS A 219 -8.70 7.25 8.96
N LEU A 220 -8.81 7.81 7.76
CA LEU A 220 -7.64 7.95 6.90
C LEU A 220 -6.61 8.87 7.51
N GLY A 221 -7.05 9.73 8.44
CA GLY A 221 -6.16 10.70 9.04
C GLY A 221 -6.05 12.01 8.27
N LEU A 222 -6.94 12.20 7.30
CA LEU A 222 -6.87 13.34 6.38
C LEU A 222 -7.75 14.46 6.87
N VAL A 223 -7.58 14.83 8.14
CA VAL A 223 -8.38 15.89 8.76
C VAL A 223 -7.51 16.84 9.55
N GLU A 224 -8.07 17.99 9.91
CA GLU A 224 -7.36 18.92 10.77
C GLU A 224 -7.36 18.47 12.23
N GLU A 225 -8.43 17.81 12.65
CA GLU A 225 -8.56 17.58 14.08
C GLU A 225 -9.32 16.31 14.40
N ARG A 226 -8.74 15.49 15.29
CA ARG A 226 -9.41 14.28 15.75
C ARG A 226 -8.73 13.81 17.01
N SER A 227 -9.33 12.83 17.67
CA SER A 227 -8.79 12.21 18.89
C SER A 227 -8.87 10.70 18.75
N ALA A 228 -8.22 9.98 19.66
CA ALA A 228 -8.38 8.53 19.71
C ALA A 228 -9.85 8.16 19.87
N ARG A 229 -10.54 8.85 20.76
CA ARG A 229 -11.96 8.60 20.98
C ARG A 229 -12.79 8.81 19.69
N SER A 230 -12.58 9.94 19.03
CA SER A 230 -13.41 10.26 17.88
C SER A 230 -13.08 9.32 16.70
N THR A 231 -11.81 8.98 16.57
CA THR A 231 -11.36 8.07 15.52
C THR A 231 -11.93 6.66 15.73
N ALA A 232 -11.76 6.10 16.92
CA ALA A 232 -12.36 4.80 17.22
C ALA A 232 -13.88 4.81 16.98
N ALA A 233 -14.52 5.89 17.41
CA ALA A 233 -15.96 6.03 17.20
C ALA A 233 -16.32 5.99 15.70
N ALA A 234 -15.56 6.72 14.89
CA ALA A 234 -15.81 6.75 13.45
C ALA A 234 -15.71 5.36 12.83
N ALA A 235 -14.66 4.62 13.18
CA ALA A 235 -14.49 3.25 12.70
C ALA A 235 -15.60 2.29 13.14
N GLU A 236 -16.03 2.35 14.42
CA GLU A 236 -17.12 1.50 14.90
C GLU A 236 -18.38 1.76 14.09
N ARG A 237 -18.69 3.04 13.85
N ARG A 237 -18.67 3.04 13.88
CA ARG A 237 -19.85 3.39 13.02
CA ARG A 237 -19.83 3.46 13.10
C ARG A 237 -19.72 2.82 11.62
C ARG A 237 -19.72 2.93 11.67
N MSE A 238 -18.61 3.07 11.00
N MSE A 238 -18.54 3.09 11.09
CA MSE A 238 -18.41 2.68 9.61
CA MSE A 238 -18.30 2.71 9.70
C MSE A 238 -18.52 1.17 9.40
C MSE A 238 -18.47 1.21 9.44
O MSE A 238 -19.26 0.72 8.54
O MSE A 238 -19.25 0.81 8.57
CB MSE A 238 -17.06 3.16 9.11
CB MSE A 238 -16.88 3.14 9.30
CG MSE A 238 -16.85 2.74 7.68
CG MSE A 238 -16.36 2.47 8.05
SE MSE A 238 -17.90 3.94 6.56
SE MSE A 238 -16.22 3.80 6.63
CE MSE A 238 -16.73 5.50 6.89
CE MSE A 238 -18.12 4.08 6.49
N VAL A 239 -17.74 0.39 10.19
CA VAL A 239 -17.76 -1.08 10.03
C VAL A 239 -19.17 -1.68 10.24
N ARG A 240 -19.83 -1.29 11.33
CA ARG A 240 -21.18 -1.77 11.58
C ARG A 240 -22.15 -1.29 10.50
N GLY A 241 -22.07 -0.01 10.14
CA GLY A 241 -22.93 0.51 9.10
C GLY A 241 -22.74 -0.16 7.76
N VAL A 242 -21.50 -0.48 7.40
CA VAL A 242 -21.22 -1.11 6.11
C VAL A 242 -21.60 -2.60 6.10
N LEU A 243 -21.23 -3.33 7.14
CA LEU A 243 -21.54 -4.76 7.15
C LEU A 243 -23.02 -5.02 6.96
N GLU A 244 -23.87 -4.20 7.60
CA GLU A 244 -25.34 -4.37 7.50
C GLU A 244 -25.88 -4.05 6.10
N MSE A 245 -25.04 -3.44 5.25
CA MSE A 245 -25.43 -3.11 3.88
C MSE A 245 -24.94 -4.14 2.86
O MSE A 245 -25.27 -4.04 1.68
CB MSE A 245 -24.90 -1.73 3.48
CG MSE A 245 -25.28 -0.61 4.47
SE MSE A 245 -24.39 1.09 4.03
CE MSE A 245 -24.97 1.13 2.15
N LEU A 246 -24.14 -5.10 3.29
CA LEU A 246 -23.52 -6.03 2.35
C LEU A 246 -24.39 -7.26 2.06
N PRO A 247 -24.59 -7.55 0.77
CA PRO A 247 -25.26 -8.77 0.29
C PRO A 247 -24.42 -9.95 0.71
N THR A 248 -25.03 -11.00 1.23
CA THR A 248 -24.25 -12.16 1.68
C THR A 248 -24.01 -13.12 0.51
N ASP A 249 -23.15 -12.70 -0.40
CA ASP A 249 -22.81 -13.52 -1.57
C ASP A 249 -21.45 -14.16 -1.33
N PRO A 250 -21.42 -15.50 -1.26
CA PRO A 250 -20.16 -16.24 -1.03
C PRO A 250 -19.12 -16.06 -2.13
N ASP A 251 -19.51 -15.92 -3.39
CA ASP A 251 -18.51 -15.71 -4.44
C ASP A 251 -17.87 -14.34 -4.27
N LEU A 252 -18.66 -13.39 -3.81
CA LEU A 252 -18.19 -12.02 -3.69
C LEU A 252 -17.36 -11.83 -2.43
N LEU A 253 -17.88 -12.30 -1.30
CA LEU A 253 -17.30 -12.01 0.00
C LEU A 253 -16.44 -13.14 0.53
N GLY A 254 -16.64 -14.35 -0.02
CA GLY A 254 -16.00 -15.56 0.48
C GLY A 254 -17.03 -16.45 1.16
N GLU A 255 -16.89 -17.76 0.97
CA GLU A 255 -17.84 -18.74 1.50
C GLU A 255 -17.99 -18.71 3.01
N ASP A 256 -16.87 -18.76 3.74
CA ASP A 256 -16.92 -18.72 5.20
C ASP A 256 -17.56 -17.42 5.68
N ILE A 257 -17.16 -16.32 5.08
CA ILE A 257 -17.64 -14.99 5.48
C ILE A 257 -19.17 -14.87 5.35
N ALA A 258 -19.69 -15.11 4.15
CA ALA A 258 -21.14 -15.06 3.90
C ALA A 258 -21.90 -16.01 4.84
N ARG A 259 -21.32 -17.17 5.06
CA ARG A 259 -21.93 -18.15 5.96
C ARG A 259 -22.04 -17.59 7.38
N LEU A 260 -20.93 -17.00 7.84
CA LEU A 260 -20.87 -16.45 9.20
C LEU A 260 -21.80 -15.27 9.39
N MSE A 261 -21.90 -14.45 8.36
CA MSE A 261 -22.82 -13.34 8.37
C MSE A 261 -24.26 -13.82 8.41
O MSE A 261 -25.05 -13.34 9.23
CB MSE A 261 -22.60 -12.42 7.16
CG MSE A 261 -21.24 -11.76 7.13
SE MSE A 261 -20.94 -10.81 5.46
CE MSE A 261 -22.42 -9.52 5.52
N ASN A 262 -24.62 -14.80 7.54
CA ASN A 262 -25.97 -15.34 7.55
C ASN A 262 -26.32 -16.05 8.86
N ALA A 263 -25.32 -16.63 9.52
CA ALA A 263 -25.56 -17.30 10.79
C ALA A 263 -25.67 -16.31 11.95
N GLY A 264 -25.34 -15.04 11.68
CA GLY A 264 -25.36 -14.03 12.73
C GLY A 264 -24.12 -14.08 13.62
N LEU A 265 -23.19 -14.98 13.28
CA LEU A 265 -21.97 -15.13 14.06
C LEU A 265 -21.01 -13.93 13.96
N LEU A 266 -20.89 -13.34 12.78
CA LEU A 266 -19.99 -12.21 12.62
C LEU A 266 -20.49 -11.03 13.44
N GLU A 267 -21.80 -10.77 13.35
CA GLU A 267 -22.43 -9.72 14.15
C GLU A 267 -22.23 -9.98 15.65
N LYS A 268 -22.51 -11.20 16.09
CA LYS A 268 -22.33 -11.56 17.49
C LYS A 268 -20.90 -11.30 17.93
N TYR A 269 -19.94 -11.73 17.12
CA TYR A 269 -18.53 -11.48 17.41
C TYR A 269 -18.22 -9.99 17.59
N VAL A 270 -18.62 -9.18 16.61
CA VAL A 270 -18.31 -7.76 16.67
C VAL A 270 -18.96 -7.07 17.87
N GLN A 271 -20.19 -7.46 18.19
CA GLN A 271 -20.95 -6.80 19.25
C GLN A 271 -20.74 -7.33 20.66
N GLN A 272 -19.97 -8.40 20.82
CA GLN A 272 -19.85 -9.04 22.14
C GLN A 272 -19.14 -8.19 23.21
N LEU B 17 -7.98 -16.13 32.29
CA LEU B 17 -8.62 -17.43 32.14
C LEU B 17 -9.16 -17.63 30.72
N TYR B 18 -9.46 -16.52 30.05
CA TYR B 18 -9.91 -16.55 28.66
C TYR B 18 -8.77 -16.93 27.73
N PHE B 19 -7.59 -16.41 28.03
CA PHE B 19 -6.41 -16.69 27.21
C PHE B 19 -5.90 -18.13 27.37
N GLN B 20 -6.22 -18.75 28.50
CA GLN B 20 -5.86 -20.15 28.70
C GLN B 20 -6.71 -21.09 27.84
N GLY B 21 -8.01 -20.79 27.73
CA GLY B 21 -8.89 -21.57 26.88
C GLY B 21 -8.55 -21.38 25.41
N VAL B 22 -8.00 -20.21 25.09
CA VAL B 22 -7.47 -19.94 23.76
C VAL B 22 -6.30 -20.87 23.43
N GLN B 23 -5.42 -21.09 24.40
CA GLN B 23 -4.28 -21.97 24.16
C GLN B 23 -4.76 -23.37 23.81
N HIS B 24 -5.74 -23.87 24.58
CA HIS B 24 -6.34 -25.18 24.30
C HIS B 24 -7.06 -25.20 22.95
N THR B 25 -7.72 -24.10 22.61
CA THR B 25 -8.38 -23.96 21.33
C THR B 25 -7.38 -24.06 20.16
N ILE B 26 -6.20 -23.49 20.36
CA ILE B 26 -5.16 -23.51 19.33
C ILE B 26 -4.71 -24.94 19.05
N ALA B 27 -4.40 -25.66 20.11
CA ALA B 27 -3.99 -27.07 20.01
C ALA B 27 -5.06 -27.92 19.33
N ARG B 28 -6.31 -27.66 19.66
CA ARG B 28 -7.42 -28.37 19.04
CA ARG B 28 -7.43 -28.37 19.04
C ARG B 28 -7.55 -28.04 17.56
N TRP B 29 -7.26 -26.80 17.19
CA TRP B 29 -7.41 -26.38 15.81
C TRP B 29 -6.38 -27.00 14.85
N VAL B 30 -5.17 -27.20 15.34
CA VAL B 30 -4.14 -27.85 14.54
C VAL B 30 -4.57 -29.25 14.11
N ASP B 31 -5.08 -30.04 15.06
CA ASP B 31 -5.59 -31.38 14.76
C ASP B 31 -6.68 -31.26 13.70
N ARG B 32 -7.63 -30.36 13.94
CA ARG B 32 -8.70 -30.08 13.00
C ARG B 32 -8.21 -29.77 11.59
N LEU B 33 -7.23 -28.87 11.49
CA LEU B 33 -6.70 -28.45 10.19
C LEU B 33 -6.02 -29.61 9.46
N ARG B 34 -5.25 -30.42 10.19
CA ARG B 34 -4.67 -31.64 9.62
C ARG B 34 -5.74 -32.51 9.00
N GLU B 35 -6.79 -32.76 9.77
CA GLU B 35 -7.87 -33.65 9.36
C GLU B 35 -8.65 -33.11 8.17
N GLU B 36 -8.80 -31.79 8.11
CA GLU B 36 -9.53 -31.19 7.01
C GLU B 36 -8.69 -31.12 5.74
N IYR B 37 -7.36 -30.86 5.90
CA IYR B 37 -6.46 -30.76 4.75
CB IYR B 37 -5.67 -29.47 4.83
CC IYR B 37 -6.60 -28.29 4.55
CD IYR B 37 -7.27 -27.66 5.61
CE IYR B 37 -8.14 -26.56 5.34
IE IYR B 37 -9.19 -25.58 6.89
CF IYR B 37 -8.32 -26.08 4.05
OF IYR B 37 -9.18 -24.99 3.83
CG IYR B 37 -7.64 -26.70 2.99
CH IYR B 37 -6.78 -27.81 3.24
C IYR B 37 -5.55 -31.96 4.64
O IYR B 37 -4.49 -32.05 5.34
N ALA B 38 -5.95 -32.90 3.75
CA ALA B 38 -5.15 -34.10 3.52
C ALA B 38 -3.83 -33.75 2.84
N ASP B 39 -3.86 -32.69 2.02
CA ASP B 39 -2.68 -32.25 1.28
C ASP B 39 -1.72 -31.38 2.12
N ALA B 40 -1.93 -31.34 3.43
CA ALA B 40 -1.11 -30.50 4.32
C ALA B 40 0.26 -31.10 4.62
N VAL B 41 1.27 -30.25 4.64
CA VAL B 41 2.60 -30.70 5.04
C VAL B 41 3.09 -29.97 6.28
N ALA B 42 2.45 -28.84 6.61
CA ALA B 42 2.81 -28.07 7.79
C ALA B 42 1.74 -27.07 8.22
N ILE B 43 1.62 -26.89 9.54
CA ILE B 43 0.75 -25.87 10.10
C ILE B 43 1.56 -25.01 11.05
N LEU B 44 1.48 -23.69 10.85
CA LEU B 44 2.24 -22.75 11.66
C LEU B 44 1.35 -21.70 12.31
N LEU B 45 1.65 -21.36 13.56
CA LEU B 45 0.96 -20.30 14.26
C LEU B 45 1.67 -18.97 13.93
N LYS B 46 0.87 -17.94 13.66
CA LYS B 46 1.38 -16.63 13.25
C LYS B 46 0.78 -15.54 14.12
N GLY B 47 1.27 -14.32 13.94
CA GLY B 47 0.69 -13.14 14.56
C GLY B 47 0.87 -13.04 16.06
N SER B 48 -0.12 -12.43 16.71
CA SER B 48 -0.10 -12.13 18.14
C SER B 48 0.16 -13.33 19.05
N TYR B 49 -0.52 -14.44 18.79
CA TYR B 49 -0.37 -15.60 19.64
C TYR B 49 0.97 -16.30 19.45
N ALA B 50 1.55 -16.17 18.26
CA ALA B 50 2.89 -16.67 18.03
C ALA B 50 3.91 -15.76 18.75
N ARG B 51 3.60 -14.48 18.87
CA ARG B 51 4.50 -13.57 19.59
C ARG B 51 4.30 -13.61 21.09
N GLY B 52 3.09 -13.95 21.54
CA GLY B 52 2.75 -13.92 22.95
C GLY B 52 2.38 -12.53 23.44
N ASP B 53 1.93 -11.67 22.52
CA ASP B 53 1.49 -10.31 22.88
C ASP B 53 0.01 -10.06 22.57
N ALA B 54 -0.78 -11.12 22.48
CA ALA B 54 -2.19 -11.01 22.11
C ALA B 54 -3.02 -10.27 23.17
N ALA B 55 -4.16 -9.74 22.74
CA ALA B 55 -5.13 -9.21 23.69
C ALA B 55 -6.52 -9.63 23.29
N THR B 56 -7.51 -9.08 23.98
CA THR B 56 -8.91 -9.44 23.85
C THR B 56 -9.41 -9.70 22.42
N TRP B 57 -9.20 -8.72 21.54
CA TRP B 57 -9.71 -8.78 20.16
C TRP B 57 -8.73 -9.36 19.15
N SER B 58 -7.61 -9.91 19.64
CA SER B 58 -6.64 -10.53 18.73
C SER B 58 -7.25 -11.78 18.14
N ASP B 59 -6.79 -12.11 16.94
N ASP B 59 -6.84 -12.12 16.93
CA ASP B 59 -7.25 -13.27 16.19
CA ASP B 59 -7.34 -13.35 16.36
C ASP B 59 -6.23 -14.42 16.27
C ASP B 59 -6.26 -14.41 16.25
N ILE B 60 -6.71 -15.66 16.15
CA ILE B 60 -5.79 -16.80 16.05
C ILE B 60 -5.43 -17.00 14.58
N ASP B 61 -4.14 -16.86 14.29
CA ASP B 61 -3.65 -16.79 12.91
C ASP B 61 -2.84 -18.03 12.51
N PHE B 62 -3.36 -18.81 11.55
CA PHE B 62 -2.65 -19.98 11.02
C PHE B 62 -2.22 -19.86 9.56
N ASP B 63 -1.03 -20.40 9.26
CA ASP B 63 -0.66 -20.75 7.90
C ASP B 63 -0.80 -22.27 7.78
N VAL B 64 -1.51 -22.73 6.76
CA VAL B 64 -1.62 -24.16 6.48
C VAL B 64 -0.95 -24.39 5.13
N LEU B 65 0.22 -25.00 5.16
CA LEU B 65 1.00 -25.18 3.94
C LEU B 65 0.65 -26.51 3.28
N VAL B 66 0.25 -26.46 2.01
CA VAL B 66 -0.12 -27.66 1.27
C VAL B 66 0.85 -28.02 0.16
N SER B 67 0.84 -29.29 -0.24
CA SER B 67 1.68 -29.78 -1.33
C SER B 67 1.05 -29.48 -2.68
N THR B 68 -0.20 -29.03 -2.66
CA THR B 68 -0.96 -28.77 -3.87
C THR B 68 -0.61 -27.38 -4.43
N GLN B 69 -0.13 -27.37 -5.67
CA GLN B 69 0.46 -26.18 -6.27
C GLN B 69 -0.54 -25.07 -6.58
N ASP B 70 -0.05 -23.83 -6.51
CA ASP B 70 -0.79 -22.63 -6.91
C ASP B 70 -2.01 -22.32 -6.03
N VAL B 71 -2.20 -23.10 -4.97
CA VAL B 71 -3.32 -22.89 -4.06
C VAL B 71 -3.16 -21.62 -3.23
N GLU B 72 -4.17 -20.76 -3.28
CA GLU B 72 -4.24 -19.64 -2.37
C GLU B 72 -5.67 -19.51 -1.87
N ASP B 73 -5.90 -19.84 -0.61
CA ASP B 73 -7.23 -19.69 -0.05
C ASP B 73 -7.19 -19.16 1.38
N TYR B 74 -8.29 -18.54 1.79
CA TYR B 74 -8.36 -17.90 3.09
C TYR B 74 -9.60 -18.34 3.85
N ARG B 75 -9.39 -19.01 4.98
CA ARG B 75 -10.49 -19.56 5.76
C ARG B 75 -10.76 -18.72 7.00
N THR B 76 -12.01 -18.76 7.46
CA THR B 76 -12.42 -17.96 8.61
C THR B 76 -13.41 -18.73 9.48
N TRP B 77 -13.13 -18.84 10.77
CA TRP B 77 -14.08 -19.38 11.73
C TRP B 77 -14.31 -18.39 12.86
N ILE B 78 -15.47 -18.51 13.48
CA ILE B 78 -15.78 -17.77 14.69
C ILE B 78 -16.24 -18.80 15.71
N GLU B 79 -15.49 -18.91 16.81
CA GLU B 79 -15.60 -20.06 17.70
C GLU B 79 -15.74 -19.67 19.15
N PRO B 80 -16.56 -20.41 19.92
CA PRO B 80 -16.67 -20.11 21.35
C PRO B 80 -15.45 -20.53 22.18
N VAL B 81 -14.98 -19.60 23.00
CA VAL B 81 -13.97 -19.88 24.00
C VAL B 81 -14.58 -19.45 25.32
N GLY B 82 -15.14 -20.41 26.04
CA GLY B 82 -15.89 -20.11 27.24
C GLY B 82 -17.05 -19.16 26.96
N ASP B 83 -17.00 -17.99 27.56
CA ASP B 83 -18.09 -17.02 27.44
C ASP B 83 -17.86 -16.02 26.32
N ARG B 84 -16.84 -16.25 25.50
CA ARG B 84 -16.58 -15.35 24.39
C ARG B 84 -16.49 -16.08 23.05
N LEU B 85 -16.56 -15.30 21.97
CA LEU B 85 -16.30 -15.81 20.63
C LEU B 85 -14.92 -15.37 20.19
N VAL B 86 -14.17 -16.27 19.54
CA VAL B 86 -12.84 -15.95 19.02
C VAL B 86 -12.79 -16.06 17.50
N HIS B 87 -12.09 -15.13 16.86
CA HIS B 87 -11.93 -15.16 15.41
C HIS B 87 -10.70 -15.98 15.08
N ILE B 88 -10.90 -17.01 14.28
CA ILE B 88 -9.82 -17.86 13.86
C ILE B 88 -9.67 -17.77 12.34
N SER B 89 -8.43 -17.67 11.85
CA SER B 89 -8.25 -17.60 10.41
C SER B 89 -7.13 -18.52 9.96
N ALA B 90 -7.26 -19.02 8.74
CA ALA B 90 -6.22 -19.85 8.15
C ALA B 90 -5.91 -19.41 6.73
N ALA B 91 -4.62 -19.14 6.47
CA ALA B 91 -4.15 -18.91 5.11
C ALA B 91 -3.65 -20.24 4.53
N VAL B 92 -4.35 -20.76 3.54
CA VAL B 92 -3.95 -22.01 2.90
C VAL B 92 -3.15 -21.74 1.62
N GLU B 93 -1.97 -22.34 1.53
CA GLU B 93 -1.04 -21.96 0.46
C GLU B 93 -0.09 -23.09 0.07
N TRP B 94 0.31 -23.10 -1.19
CA TRP B 94 1.35 -24.00 -1.69
C TRP B 94 2.63 -23.80 -0.87
N VAL B 95 3.10 -24.87 -0.25
CA VAL B 95 4.28 -24.84 0.62
C VAL B 95 5.48 -24.15 -0.04
N THR B 96 5.65 -24.37 -1.34
CA THR B 96 6.80 -23.85 -2.07
C THR B 96 6.68 -22.36 -2.37
N GLY B 97 5.49 -21.91 -2.70
CA GLY B 97 5.26 -20.50 -2.94
C GLY B 97 5.40 -19.70 -1.66
N TRP B 98 4.96 -20.29 -0.55
CA TRP B 98 5.12 -19.68 0.77
C TRP B 98 6.60 -19.43 1.02
N GLU B 99 7.41 -20.45 0.73
CA GLU B 99 8.85 -20.40 0.98
C GLU B 99 9.57 -19.36 0.11
N ARG B 100 9.15 -19.24 -1.14
CA ARG B 100 9.74 -18.31 -2.10
C ARG B 100 9.48 -16.86 -1.73
N ASP B 101 8.47 -16.64 -0.90
CA ASP B 101 7.96 -15.30 -0.58
C ASP B 101 8.96 -14.40 0.17
N THR B 102 10.08 -14.97 0.58
CA THR B 102 11.11 -14.23 1.32
C THR B 102 11.83 -13.17 0.50
N VAL B 103 11.66 -13.16 -0.81
CA VAL B 103 12.45 -12.23 -1.63
C VAL B 103 11.78 -10.87 -1.77
N ASP B 104 10.52 -10.77 -1.36
CA ASP B 104 9.76 -9.53 -1.49
C ASP B 104 9.56 -8.83 -0.15
N PRO B 105 9.70 -7.50 -0.16
CA PRO B 105 9.48 -6.65 1.01
C PRO B 105 8.03 -6.78 1.48
N SER B 106 7.82 -6.69 2.79
CA SER B 106 6.48 -6.72 3.32
C SER B 106 5.78 -5.43 2.91
N SER B 107 4.46 -5.46 2.81
CA SER B 107 3.72 -4.29 2.38
C SER B 107 3.31 -3.43 3.57
N TRP B 108 3.49 -3.94 4.78
CA TRP B 108 2.95 -3.27 5.96
C TRP B 108 3.98 -2.59 6.86
N SER B 109 5.22 -2.48 6.41
CA SER B 109 6.30 -2.08 7.31
C SER B 109 6.97 -0.76 6.93
N TYR B 110 6.32 0.02 6.07
CA TYR B 110 6.91 1.22 5.49
C TYR B 110 8.28 0.95 4.87
N GLY B 111 8.43 -0.23 4.27
CA GLY B 111 9.67 -0.58 3.58
C GLY B 111 10.76 -1.21 4.44
N LEU B 112 10.53 -1.29 5.75
CA LEU B 112 11.49 -1.91 6.67
C LEU B 112 11.61 -3.41 6.41
N PRO B 113 12.81 -3.98 6.62
CA PRO B 113 12.94 -5.43 6.55
C PRO B 113 12.15 -6.07 7.69
N THR B 114 11.61 -7.26 7.48
CA THR B 114 10.72 -7.85 8.49
C THR B 114 11.12 -9.26 8.89
N GLN B 115 10.74 -9.62 10.11
CA GLN B 115 10.83 -10.99 10.58
C GLN B 115 9.40 -11.43 10.96
N GLU B 116 8.73 -12.05 10.00
CA GLU B 116 7.35 -12.52 10.16
C GLU B 116 7.39 -13.67 11.16
N THR B 117 6.96 -13.44 12.40
CA THR B 117 7.01 -14.50 13.41
C THR B 117 6.30 -15.78 12.98
N THR B 118 6.97 -16.92 13.14
CA THR B 118 6.42 -18.22 12.78
C THR B 118 6.64 -19.22 13.90
N ARG B 119 5.58 -19.90 14.33
CA ARG B 119 5.69 -21.00 15.29
C ARG B 119 5.09 -22.27 14.71
N LEU B 120 5.95 -23.14 14.20
CA LEU B 120 5.53 -24.39 13.59
C LEU B 120 4.79 -25.28 14.59
N MSE B 121 3.54 -25.59 14.30
CA MSE B 121 2.73 -26.42 15.19
C MSE B 121 2.81 -27.89 14.85
O MSE B 121 2.75 -28.76 15.72
CB MSE B 121 1.28 -25.94 15.17
CG MSE B 121 1.14 -24.47 15.53
SE MSE B 121 2.04 -24.08 17.23
CE MSE B 121 0.55 -24.29 18.46
N TRP B 122 2.95 -28.17 13.58
CA TRP B 122 2.91 -29.55 13.08
C TRP B 122 3.53 -29.60 11.69
N ALA B 123 4.22 -30.70 11.42
CA ALA B 123 4.81 -30.92 10.11
C ALA B 123 4.67 -32.41 9.74
N ILE B 124 4.62 -32.70 8.45
CA ILE B 124 4.33 -34.07 8.02
C ILE B 124 5.47 -35.04 8.29
N ASN B 125 6.70 -34.63 8.01
CA ASN B 125 7.86 -35.50 8.23
C ASN B 125 8.98 -34.79 8.97
N ASP B 126 10.08 -35.49 9.19
CA ASP B 126 11.23 -34.93 9.90
C ASP B 126 11.98 -33.90 9.04
N GLU B 127 11.97 -34.11 7.73
CA GLU B 127 12.64 -33.17 6.83
C GLU B 127 11.86 -31.87 6.67
N THR B 128 10.54 -31.96 6.58
CA THR B 128 9.70 -30.76 6.50
C THR B 128 9.81 -29.98 7.80
N ARG B 129 9.72 -30.71 8.91
CA ARG B 129 9.92 -30.16 10.25
C ARG B 129 11.20 -29.31 10.30
N ARG B 130 12.30 -29.85 9.76
N ARG B 130 12.30 -29.86 9.78
CA ARG B 130 13.58 -29.17 9.89
CA ARG B 130 13.59 -29.17 9.88
C ARG B 130 13.69 -27.98 8.94
C ARG B 130 13.66 -27.95 8.96
N ARG B 131 13.03 -28.05 7.80
CA ARG B 131 13.09 -26.98 6.81
C ARG B 131 12.23 -25.80 7.24
N LEU B 132 11.22 -26.09 8.06
CA LEU B 132 10.22 -25.08 8.41
C LEU B 132 10.19 -24.64 9.88
N ASP B 133 10.78 -25.42 10.79
CA ASP B 133 10.79 -25.04 12.20
C ASP B 133 11.78 -23.92 12.40
N ARG B 134 11.39 -22.72 11.96
CA ARG B 134 12.21 -21.53 12.11
C ARG B 134 11.40 -20.53 12.95
N PRO B 135 12.09 -19.64 13.68
CA PRO B 135 11.38 -18.69 14.54
C PRO B 135 10.66 -17.57 13.77
N TYR B 136 11.08 -17.28 12.54
CA TYR B 136 10.40 -16.28 11.73
C TYR B 136 10.75 -16.48 10.25
N LYS B 137 9.99 -15.83 9.38
CA LYS B 137 10.31 -15.76 7.97
C LYS B 137 10.71 -14.31 7.65
N THR B 138 11.76 -14.13 6.86
CA THR B 138 12.29 -12.80 6.61
C THR B 138 11.80 -12.18 5.30
N HIS B 139 11.85 -10.86 5.26
CA HIS B 139 11.63 -10.11 4.04
C HIS B 139 12.60 -8.96 4.06
N PRO B 140 13.16 -8.60 2.88
CA PRO B 140 14.16 -7.55 2.77
C PRO B 140 13.53 -6.17 2.78
N ALA B 141 14.37 -5.16 3.02
CA ALA B 141 13.93 -3.77 2.98
C ALA B 141 13.47 -3.38 1.57
N ALA B 142 12.53 -2.44 1.47
CA ALA B 142 12.21 -1.86 0.16
C ALA B 142 13.34 -0.93 -0.25
N GLU B 143 13.64 -0.90 -1.54
CA GLU B 143 14.71 -0.04 -2.06
C GLU B 143 14.32 1.45 -1.94
N PRO B 144 15.33 2.34 -1.83
CA PRO B 144 15.07 3.78 -1.73
C PRO B 144 14.26 4.29 -2.93
N GLU B 145 13.28 5.17 -2.68
CA GLU B 145 12.48 5.75 -3.74
C GLU B 145 12.65 7.27 -3.75
N VAL B 146 13.78 7.75 -4.25
CA VAL B 146 14.03 9.18 -4.23
C VAL B 146 13.10 9.90 -5.19
N GLU B 147 12.95 9.36 -6.39
CA GLU B 147 12.18 10.00 -7.44
C GLU B 147 10.72 10.18 -7.01
N ASP B 148 10.13 9.14 -6.45
CA ASP B 148 8.73 9.19 -6.08
C ASP B 148 8.47 10.03 -4.84
N THR B 149 9.50 10.20 -4.02
CA THR B 149 9.37 11.08 -2.87
C THR B 149 9.30 12.51 -3.37
N VAL B 150 10.17 12.83 -4.32
CA VAL B 150 10.22 14.17 -4.89
C VAL B 150 8.93 14.50 -5.66
N GLU B 151 8.41 13.54 -6.42
CA GLU B 151 7.16 13.73 -7.13
C GLU B 151 6.03 14.05 -6.19
N ALA B 152 5.98 13.34 -5.07
CA ALA B 152 4.89 13.55 -4.12
C ALA B 152 5.01 14.95 -3.49
N LEU B 153 6.23 15.44 -3.29
CA LEU B 153 6.42 16.81 -2.86
C LEU B 153 5.88 17.77 -3.92
N GLY B 154 6.11 17.43 -5.19
CA GLY B 154 5.57 18.20 -6.32
C GLY B 154 4.06 18.29 -6.26
N LYS B 155 3.41 17.15 -6.01
CA LYS B 155 1.96 17.12 -5.87
C LYS B 155 1.45 17.97 -4.70
N ILE B 156 2.13 17.91 -3.57
CA ILE B 156 1.80 18.77 -2.42
C ILE B 156 1.81 20.23 -2.84
N ARG B 157 2.85 20.60 -3.57
CA ARG B 157 3.01 21.97 -4.04
C ARG B 157 1.90 22.42 -4.97
N ASN B 158 1.51 21.54 -5.89
CA ASN B 158 0.43 21.88 -6.79
C ASN B 158 -0.86 22.00 -5.99
N ALA B 159 -1.06 21.07 -5.05
CA ALA B 159 -2.28 21.06 -4.23
C ALA B 159 -2.46 22.37 -3.44
N ILE B 160 -1.38 22.83 -2.82
CA ILE B 160 -1.39 24.06 -2.03
C ILE B 160 -1.79 25.24 -2.90
N ALA B 161 -1.17 25.33 -4.07
CA ALA B 161 -1.43 26.40 -5.01
C ALA B 161 -2.90 26.49 -5.43
N ARG B 162 -3.60 25.36 -5.44
CA ARG B 162 -5.02 25.41 -5.83
C ARG B 162 -5.97 25.34 -4.63
N GLY B 163 -5.41 25.34 -3.42
CA GLY B 163 -6.22 25.35 -2.21
C GLY B 163 -6.87 24.03 -1.88
N ASP B 164 -6.29 22.94 -2.38
CA ASP B 164 -6.86 21.62 -2.16
C ASP B 164 -6.28 20.94 -0.92
N ASP B 165 -6.92 21.12 0.22
CA ASP B 165 -6.43 20.60 1.50
C ASP B 165 -6.25 19.08 1.49
N LEU B 166 -7.24 18.37 0.94
CA LEU B 166 -7.21 16.93 0.91
C LEU B 166 -6.03 16.44 0.10
N GLY B 167 -5.78 17.12 -1.01
CA GLY B 167 -4.67 16.77 -1.87
C GLY B 167 -3.35 16.93 -1.14
N VAL B 168 -3.21 18.01 -0.39
CA VAL B 168 -2.02 18.19 0.44
C VAL B 168 -1.85 17.03 1.40
N TYR B 169 -2.91 16.68 2.11
CA TYR B 169 -2.84 15.61 3.12
C TYR B 169 -2.50 14.27 2.47
N GLN B 170 -3.15 13.99 1.34
CA GLN B 170 -2.95 12.71 0.66
C GLN B 170 -1.51 12.57 0.19
N SER B 171 -0.99 13.61 -0.47
CA SER B 171 0.36 13.51 -1.03
C SER B 171 1.45 13.58 0.04
N ALA B 172 1.15 14.22 1.18
CA ALA B 172 2.06 14.18 2.32
C ALA B 172 2.17 12.76 2.86
N GLN B 173 1.07 12.01 2.82
CA GLN B 173 1.11 10.63 3.29
C GLN B 173 2.05 9.83 2.40
N THR B 174 2.03 10.12 1.09
CA THR B 174 2.91 9.45 0.15
C THR B 174 4.37 9.74 0.48
N VAL B 175 4.68 11.02 0.70
CA VAL B 175 6.01 11.39 1.10
C VAL B 175 6.41 10.58 2.34
N ALA B 176 5.53 10.54 3.35
CA ALA B 176 5.88 9.87 4.61
C ALA B 176 6.02 8.37 4.45
N LYS B 177 5.27 7.77 3.53
CA LYS B 177 5.38 6.33 3.28
C LYS B 177 6.68 5.93 2.57
N LEU B 178 7.31 6.88 1.88
CA LEU B 178 8.53 6.60 1.12
C LEU B 178 9.81 7.02 1.82
N VAL B 179 9.74 8.06 2.65
CA VAL B 179 10.92 8.55 3.37
C VAL B 179 11.67 7.44 4.13
N PRO B 180 10.96 6.49 4.77
CA PRO B 180 11.75 5.44 5.45
C PRO B 180 12.65 4.62 4.51
N THR B 181 12.26 4.45 3.24
CA THR B 181 13.10 3.76 2.28
C THR B 181 14.41 4.52 2.11
N LEU B 182 14.39 5.82 2.40
CA LEU B 182 15.56 6.67 2.28
C LEU B 182 16.42 6.65 3.54
N LEU B 183 15.77 6.55 4.69
CA LEU B 183 16.48 6.59 5.98
C LEU B 183 17.16 5.27 6.35
N ILE B 184 16.61 4.16 5.85
CA ILE B 184 17.16 2.84 6.12
C ILE B 184 18.67 2.73 5.84
N PRO B 185 19.14 3.15 4.64
CA PRO B 185 20.59 2.96 4.45
C PRO B 185 21.48 3.85 5.30
N ILE B 186 20.98 4.95 5.85
CA ILE B 186 21.85 5.80 6.68
C ILE B 186 21.66 5.53 8.18
N ASN B 187 20.79 4.57 8.49
CA ASN B 187 20.56 4.18 9.88
C ASN B 187 21.00 2.76 10.20
N PRO B 188 21.26 2.47 11.49
CA PRO B 188 21.58 1.10 11.85
C PRO B 188 20.44 0.19 11.40
N PRO B 189 20.78 -1.00 10.87
CA PRO B 189 19.75 -1.95 10.41
C PRO B 189 18.79 -2.29 11.53
N VAL B 190 17.51 -2.42 11.21
CA VAL B 190 16.49 -2.86 12.17
C VAL B 190 15.45 -3.67 11.41
N THR B 191 14.84 -4.66 12.07
CA THR B 191 13.71 -5.37 11.51
C THR B 191 12.53 -5.29 12.48
N VAL B 192 11.33 -5.48 11.97
CA VAL B 192 10.13 -5.47 12.80
C VAL B 192 9.28 -6.70 12.47
N SER B 193 8.42 -7.08 13.41
CA SER B 193 7.63 -8.29 13.25
C SER B 193 6.17 -7.99 12.95
N HIS B 194 5.75 -6.76 13.16
CA HIS B 194 4.35 -6.37 12.92
C HIS B 194 4.23 -4.89 12.70
N ALA B 195 3.07 -4.45 12.20
CA ALA B 195 2.90 -3.11 11.70
C ALA B 195 3.11 -2.02 12.75
N ARG B 196 2.62 -2.27 13.96
CA ARG B 196 2.68 -1.24 14.99
C ARG B 196 4.15 -0.99 15.39
N GLN B 197 4.95 -2.05 15.34
CA GLN B 197 6.35 -1.95 15.71
C GLN B 197 7.12 -1.21 14.63
N ALA B 198 6.62 -1.26 13.40
CA ALA B 198 7.27 -0.54 12.30
C ALA B 198 7.31 0.96 12.61
N ILE B 199 6.20 1.50 13.12
CA ILE B 199 6.15 2.91 13.50
C ILE B 199 7.17 3.21 14.62
N GLU B 200 7.21 2.35 15.63
CA GLU B 200 8.15 2.50 16.73
C GLU B 200 9.63 2.50 16.26
N ALA B 201 9.95 1.59 15.35
CA ALA B 201 11.32 1.48 14.90
C ALA B 201 11.72 2.73 14.10
N ILE B 202 10.81 3.20 13.27
CA ILE B 202 11.08 4.37 12.46
C ILE B 202 11.22 5.62 13.33
N LEU B 203 10.34 5.79 14.30
CA LEU B 203 10.46 6.93 15.23
C LEU B 203 11.75 6.85 16.03
N ALA B 204 12.29 5.63 16.17
CA ALA B 204 13.53 5.46 16.92
C ALA B 204 14.83 5.57 16.09
N PHE B 205 14.73 5.76 14.77
CA PHE B 205 15.92 6.01 13.92
C PHE B 205 16.77 7.11 14.54
N PRO B 206 18.04 6.81 14.83
CA PRO B 206 18.92 7.82 15.42
C PRO B 206 19.46 8.88 14.44
N ARG B 207 19.53 8.57 13.15
CA ARG B 207 20.11 9.53 12.21
CA ARG B 207 20.11 9.54 12.22
C ARG B 207 19.05 10.04 11.26
N VAL B 208 18.45 11.18 11.62
CA VAL B 208 17.30 11.73 10.91
C VAL B 208 17.45 13.25 10.80
N PRO B 209 16.78 13.88 9.83
CA PRO B 209 16.84 15.34 9.75
C PRO B 209 16.10 16.05 10.89
N VAL B 210 16.39 17.33 11.07
CA VAL B 210 15.75 18.15 12.09
C VAL B 210 14.24 18.08 11.96
N GLY B 211 13.57 17.82 13.08
CA GLY B 211 12.11 17.75 13.11
C GLY B 211 11.49 16.42 12.71
N PHE B 212 12.31 15.43 12.36
CA PHE B 212 11.79 14.19 11.76
C PHE B 212 10.66 13.50 12.53
N ALA B 213 10.87 13.20 13.81
CA ALA B 213 9.91 12.41 14.56
C ALA B 213 8.51 13.02 14.56
N ALA B 214 8.43 14.32 14.81
CA ALA B 214 7.12 15.00 14.81
C ALA B 214 6.56 15.15 13.40
N ASP B 215 7.42 15.48 12.45
CA ASP B 215 6.98 15.75 11.09
C ASP B 215 6.46 14.50 10.41
N TRP B 216 7.11 13.37 10.68
CA TRP B 216 6.74 12.11 10.04
C TRP B 216 5.30 11.74 10.40
N LEU B 217 4.99 11.79 11.70
CA LEU B 217 3.61 11.57 12.15
C LEU B 217 2.63 12.57 11.55
N THR B 218 3.04 13.84 11.45
CA THR B 218 2.17 14.85 10.85
C THR B 218 1.86 14.49 9.40
N CYS B 219 2.88 14.20 8.60
CA CYS B 219 2.65 13.88 7.19
C CYS B 219 1.90 12.58 6.99
N LEU B 220 2.15 11.59 7.86
CA LEU B 220 1.40 10.32 7.79
C LEU B 220 -0.05 10.56 8.15
N GLY B 221 -0.31 11.68 8.81
CA GLY B 221 -1.66 11.98 9.29
C GLY B 221 -2.00 11.04 10.42
N LEU B 222 -1.09 10.96 11.40
CA LEU B 222 -1.34 10.18 12.61
C LEU B 222 -1.16 11.11 13.80
N VAL B 223 -1.80 12.28 13.74
CA VAL B 223 -1.66 13.27 14.80
C VAL B 223 -3.04 13.82 15.15
N GLU B 224 -3.11 14.48 16.30
CA GLU B 224 -4.36 15.12 16.73
C GLU B 224 -4.71 16.32 15.87
N GLU B 225 -3.71 17.13 15.55
CA GLU B 225 -3.96 18.39 14.87
C GLU B 225 -2.86 18.74 13.88
N ARG B 226 -3.30 19.20 12.71
CA ARG B 226 -2.41 19.82 11.73
C ARG B 226 -3.27 20.61 10.76
N SER B 227 -2.62 21.33 9.85
CA SER B 227 -3.31 22.04 8.78
C SER B 227 -2.59 21.76 7.48
N ALA B 228 -3.20 22.15 6.35
CA ALA B 228 -2.57 21.98 5.06
C ALA B 228 -1.22 22.69 5.06
N ARG B 229 -1.23 23.90 5.59
CA ARG B 229 -0.03 24.72 5.71
C ARG B 229 1.06 24.04 6.57
N SER B 230 0.72 23.57 7.76
CA SER B 230 1.74 22.98 8.62
C SER B 230 2.24 21.66 8.02
N THR B 231 1.34 20.94 7.36
CA THR B 231 1.70 19.67 6.79
C THR B 231 2.68 19.86 5.63
N ALA B 232 2.39 20.81 4.74
CA ALA B 232 3.25 21.10 3.60
C ALA B 232 4.63 21.52 4.12
N ALA B 233 4.62 22.37 5.15
CA ALA B 233 5.87 22.84 5.72
C ALA B 233 6.71 21.66 6.26
N ALA B 234 6.05 20.68 6.87
CA ALA B 234 6.73 19.50 7.39
C ALA B 234 7.35 18.69 6.25
N ALA B 235 6.55 18.43 5.23
CA ALA B 235 7.07 17.69 4.08
C ALA B 235 8.24 18.43 3.38
N GLU B 236 8.19 19.76 3.26
CA GLU B 236 9.31 20.51 2.66
C GLU B 236 10.59 20.32 3.47
N ARG B 237 10.50 20.54 4.78
N ARG B 237 10.47 20.54 4.77
CA ARG B 237 11.61 20.34 5.71
CA ARG B 237 11.55 20.35 5.75
C ARG B 237 12.19 18.95 5.57
C ARG B 237 12.15 18.96 5.64
N MSE B 238 11.28 17.96 5.64
CA MSE B 238 11.66 16.56 5.59
C MSE B 238 12.46 16.22 4.33
O MSE B 238 13.58 15.72 4.41
CB MSE B 238 10.40 15.68 5.62
CG MSE B 238 10.70 14.21 5.49
SE MSE B 238 11.52 13.58 7.13
CE MSE B 238 10.12 14.16 8.34
N VAL B 239 11.86 16.48 3.20
CA VAL B 239 12.45 16.05 1.93
C VAL B 239 13.82 16.69 1.72
N ARG B 240 13.90 17.98 1.98
CA ARG B 240 15.17 18.69 1.85
C ARG B 240 16.18 18.12 2.84
N GLY B 241 15.71 17.86 4.05
CA GLY B 241 16.55 17.32 5.11
C GLY B 241 17.08 15.93 4.79
N VAL B 242 16.25 15.07 4.23
CA VAL B 242 16.69 13.71 3.97
C VAL B 242 17.65 13.60 2.78
N LEU B 243 17.33 14.28 1.68
CA LEU B 243 18.16 14.20 0.47
C LEU B 243 19.62 14.58 0.74
N GLU B 244 19.84 15.62 1.55
CA GLU B 244 21.19 16.06 1.84
C GLU B 244 21.92 15.07 2.74
N MSE B 245 21.22 14.08 3.22
CA MSE B 245 21.83 13.06 4.07
C MSE B 245 22.10 11.76 3.32
O MSE B 245 22.56 10.79 3.90
CB MSE B 245 20.95 12.78 5.29
CG MSE B 245 20.75 13.99 6.17
SE MSE B 245 19.41 13.68 7.58
CE MSE B 245 20.57 12.72 8.82
N LEU B 246 21.81 11.74 2.02
CA LEU B 246 21.96 10.51 1.25
C LEU B 246 23.28 10.52 0.51
N PRO B 247 23.95 9.35 0.46
CA PRO B 247 25.17 9.24 -0.33
C PRO B 247 24.74 9.08 -1.78
N THR B 248 25.49 9.65 -2.71
CA THR B 248 25.06 9.62 -4.10
C THR B 248 25.55 8.36 -4.80
N ASP B 249 25.10 7.19 -4.32
CA ASP B 249 25.58 5.92 -4.84
C ASP B 249 24.62 5.33 -5.87
N PRO B 250 25.15 5.07 -7.07
CA PRO B 250 24.29 4.58 -8.16
C PRO B 250 23.64 3.24 -7.87
N ASP B 251 24.33 2.38 -7.12
CA ASP B 251 23.81 1.05 -6.81
C ASP B 251 22.66 1.13 -5.81
N LEU B 252 22.84 1.97 -4.78
CA LEU B 252 21.79 2.23 -3.81
C LEU B 252 20.56 2.96 -4.38
N LEU B 253 20.78 4.05 -5.12
CA LEU B 253 19.67 4.94 -5.46
C LEU B 253 19.21 4.82 -6.90
N GLY B 254 20.04 4.21 -7.74
CA GLY B 254 19.82 4.18 -9.17
C GLY B 254 20.81 5.09 -9.88
N GLU B 255 21.14 4.73 -11.12
CA GLU B 255 22.16 5.46 -11.90
C GLU B 255 21.79 6.92 -12.13
N ASP B 256 20.61 7.14 -12.73
CA ASP B 256 20.17 8.49 -13.06
C ASP B 256 20.10 9.33 -11.80
N ILE B 257 19.45 8.80 -10.78
CA ILE B 257 19.24 9.55 -9.54
C ILE B 257 20.56 9.99 -8.93
N ALA B 258 21.49 9.04 -8.79
CA ALA B 258 22.81 9.37 -8.24
C ALA B 258 23.51 10.44 -9.07
N ARG B 259 23.46 10.31 -10.39
CA ARG B 259 24.14 11.25 -11.28
C ARG B 259 23.55 12.64 -11.11
N LEU B 260 22.23 12.70 -11.12
CA LEU B 260 21.50 13.96 -11.00
C LEU B 260 21.80 14.66 -9.69
N MSE B 261 21.90 13.89 -8.64
CA MSE B 261 22.17 14.47 -7.33
C MSE B 261 23.62 14.93 -7.26
O MSE B 261 23.92 16.06 -6.84
CB MSE B 261 21.88 13.46 -6.21
CG MSE B 261 20.42 13.05 -6.11
SE MSE B 261 20.03 11.76 -4.67
CE MSE B 261 20.33 12.88 -3.06
N ASN B 262 24.52 14.08 -7.67
CA ASN B 262 25.92 14.49 -7.73
C ASN B 262 26.17 15.71 -8.60
N ALA B 263 25.35 15.89 -9.65
CA ALA B 263 25.50 17.04 -10.51
C ALA B 263 24.90 18.32 -9.91
N GLY B 264 24.14 18.17 -8.83
CA GLY B 264 23.43 19.27 -8.22
C GLY B 264 22.04 19.54 -8.81
N LEU B 265 21.69 18.78 -9.84
CA LEU B 265 20.51 19.08 -10.65
C LEU B 265 19.18 18.80 -9.95
N LEU B 266 19.12 17.74 -9.16
CA LEU B 266 17.89 17.42 -8.42
C LEU B 266 17.60 18.49 -7.36
N GLU B 267 18.64 18.92 -6.66
CA GLU B 267 18.49 19.99 -5.66
C GLU B 267 18.02 21.26 -6.37
N LYS B 268 18.62 21.54 -7.52
CA LYS B 268 18.23 22.73 -8.29
C LYS B 268 16.76 22.67 -8.71
N TYR B 269 16.33 21.52 -9.22
CA TYR B 269 14.92 21.32 -9.54
C TYR B 269 14.01 21.54 -8.34
N VAL B 270 14.33 20.92 -7.22
CA VAL B 270 13.48 21.00 -6.01
C VAL B 270 13.37 22.43 -5.46
N GLN B 271 14.50 23.14 -5.45
CA GLN B 271 14.56 24.50 -4.89
C GLN B 271 14.23 25.64 -5.84
N GLN B 272 13.93 25.34 -7.11
CA GLN B 272 13.73 26.42 -8.09
C GLN B 272 12.51 27.29 -7.78
C11 TOY C . -3.15 -12.02 5.74
O11 TOY C . -4.49 -12.44 5.54
C21 TOY C . -2.54 -12.96 6.77
N21 TOY C . -2.58 -14.35 6.27
C31 TOY C . -3.31 -12.82 8.07
C41 TOY C . -3.22 -11.37 8.52
O41 TOY C . -4.00 -11.23 9.73
C51 TOY C . -3.86 -10.51 7.46
O51 TOY C . -3.15 -10.67 6.23
C61 TOY C . -3.48 -9.07 7.79
N61 TOY C . -3.90 -8.14 6.73
C12 TOY C . -7.25 -12.22 2.38
N12 TOY C . -8.28 -11.72 1.43
C22 TOY C . -7.73 -12.09 3.82
C32 TOY C . -6.70 -12.64 4.75
N32 TOY C . -7.15 -12.49 6.15
C42 TOY C . -5.42 -11.86 4.60
C52 TOY C . -4.94 -12.02 3.15
O52 TOY C . -3.74 -11.29 2.96
C62 TOY C . -5.95 -11.40 2.23
O62 TOY C . -5.55 -11.54 0.86
C13 TOY C . -5.17 -10.31 0.28
C23 TOY C . -5.68 -10.33 -1.15
O23 TOY C . -7.09 -10.49 -1.09
C33 TOY C . -5.06 -11.43 -1.94
N33 TOY C . -5.64 -11.45 -3.29
C43 TOY C . -3.56 -11.19 -1.96
O43 TOY C . -2.91 -12.20 -2.73
C53 TOY C . -3.08 -11.21 -0.51
O53 TOY C . -3.74 -10.17 0.25
C63 TOY C . -1.58 -10.98 -0.48
O63 TOY C . -1.29 -9.71 -1.07
C1 EDO D . -4.16 14.22 -24.47
O1 EDO D . -5.43 14.59 -23.94
C2 EDO D . -3.04 15.03 -23.83
O2 EDO D . -1.80 14.82 -24.51
I IOD E . 7.18 -7.92 -29.40
I IOD F . -13.21 15.55 -2.95
I IOD G . -21.86 -5.65 13.19
I IOD H . -3.47 -2.49 11.41
I IOD I . 17.07 16.66 -28.86
I IOD J . -13.51 4.23 8.30
CL CL K . -10.11 14.91 -8.39
CL CL L . -3.73 6.02 5.09
CL CL M . -4.59 -2.25 4.01
CL CL N . -0.75 6.42 4.89
CL CL O . -5.25 -5.78 10.40
CL CL P . -23.14 -9.26 9.67
CL CL Q . -14.31 -4.52 -11.59
CL CL R . -21.50 -20.85 10.64
CL CL S . -2.79 12.40 -7.90
CL CL T . -0.66 -8.88 14.36
CL CL U . -0.07 11.68 -11.78
CL CL V . 0.09 -4.49 14.50
C11 TOY W . 5.60 4.61 -11.33
O11 TOY W . 6.98 4.91 -11.24
C21 TOY W . 5.08 5.17 -12.65
N21 TOY W . 5.80 4.56 -13.79
C31 TOY W . 5.22 6.68 -12.68
C41 TOY W . 4.47 7.26 -11.49
O41 TOY W . 4.56 8.69 -11.51
C51 TOY W . 5.07 6.69 -10.21
O51 TOY W . 4.95 5.27 -10.23
C61 TOY W . 4.19 7.04 -9.02
N61 TOY W . 4.68 6.37 -7.80
C12 TOY W . 10.27 3.14 -9.25
N12 TOY W . 11.25 2.79 -8.20
C22 TOY W . 10.15 4.66 -9.39
C32 TOY W . 9.19 5.04 -10.49
N32 TOY W . 9.03 6.51 -10.48
C42 TOY W . 7.85 4.49 -10.15
C52 TOY W . 7.98 2.93 -10.03
O52 TOY W . 6.70 2.38 -9.63
C62 TOY W . 8.89 2.59 -8.89
O62 TOY W . 9.05 1.16 -8.75
C13 TOY W . 8.41 0.59 -7.59
C23 TOY W . 9.32 -0.53 -7.11
O23 TOY W . 10.59 0.08 -6.81
C33 TOY W . 9.45 -1.62 -8.14
N33 TOY W . 10.33 -2.67 -7.65
C43 TOY W . 8.06 -2.18 -8.37
O43 TOY W . 8.15 -3.22 -9.34
C53 TOY W . 7.18 -1.08 -8.87
O53 TOY W . 7.12 0.00 -7.89
C63 TOY W . 5.79 -1.65 -9.08
O63 TOY W . 5.29 -2.15 -7.84
C1 EDO X . 22.94 10.20 15.14
O1 EDO X . 23.51 11.09 16.10
C2 EDO X . 23.65 8.86 15.15
O2 EDO X . 23.61 8.25 16.45
I IOD Y . 2.76 26.48 9.48
I IOD Z . 7.48 13.41 5.99
I IOD AA . 23.48 15.21 -14.94
I IOD BA . 5.40 -1.95 19.48
I IOD CA . 16.56 19.60 -2.01
I IOD DA . 0.34 11.17 -4.21
CL CL EA . 20.30 16.50 -3.84
CL CL FA . 3.41 5.21 -1.43
CL CL GA . 16.19 -18.16 10.59
CL CL HA . 5.88 4.05 19.20
CL CL IA . -0.55 -14.45 24.22
#